data_6F5T
#
_entry.id   6F5T
#
_cell.length_a   72.213
_cell.length_b   72.213
_cell.length_c   152.078
_cell.angle_alpha   90.000
_cell.angle_beta   90.000
_cell.angle_gamma   90.000
#
_symmetry.space_group_name_H-M   'P 43 21 2'
#
loop_
_entity.id
_entity.type
_entity.pdbx_description
1 polymer 'Lysine-specific demethylase 4D'
2 non-polymer 'ZINC ION'
3 non-polymer 'SULFATE ION'
4 non-polymer 'NICKEL (II) ION'
5 non-polymer ~{N}-oxidanyl-4-(2~{H}-1,2,3,4-tetrazol-5-yl)pyridine-2-carboxamide
6 non-polymer '4-(2-HYDROXYETHYL)-1-PIPERAZINE ETHANESULFONIC ACID'
7 non-polymer 1,2-ETHANEDIOL
8 water water
#
_entity_poly.entity_id   1
_entity_poly.type   'polypeptide(L)'
_entity_poly.pdbx_seq_one_letter_code
;AQNPNCNIMIFHPTKEEFNDFDKYIAYMESQGAHRAGLAKIIPPKEWKARETYDNISEILIATPLQQVASGRAGVFTQYH
KKKKAMTVGEYRHLANSKKYQTPPHQNFEDLERKYWKNRIYNSPIYGADISGSLFDENTKQWNLGHLGTIQDLLEKECGV
VIEGVNTPYLYFGMWKTTFAWHTEDMDLYSINYLHLGEPKTWYVVPPEHGQRLERLARELFPGSSRGCGAFLRHKVALIS
PTVLKENGIPFNRITQEAGEFMVTFPYGYHAGFNHGFNCAEAINFATPRWIDYGKMASQCSCGEARVTFSMDAFVRILQP
ERYDLWKRGQ
;
_entity_poly.pdbx_strand_id   A
#
# COMPACT_ATOMS: atom_id res chain seq x y z
N ALA A 1 23.16 -6.23 -15.12
CA ALA A 1 22.09 -5.64 -14.30
C ALA A 1 21.34 -6.76 -13.56
N GLN A 2 21.17 -6.61 -12.25
CA GLN A 2 20.48 -7.61 -11.47
C GLN A 2 18.99 -7.54 -11.70
N ASN A 3 18.32 -8.70 -11.70
CA ASN A 3 16.87 -8.85 -11.85
C ASN A 3 16.32 -8.12 -13.08
N PRO A 4 16.86 -8.44 -14.25
CA PRO A 4 16.39 -7.74 -15.47
C PRO A 4 14.94 -7.95 -15.84
N ASN A 5 14.34 -9.09 -15.54
CA ASN A 5 12.94 -9.32 -15.88
C ASN A 5 11.99 -8.69 -14.85
N CYS A 6 12.52 -7.99 -13.83
CA CYS A 6 11.75 -7.29 -12.79
C CYS A 6 10.82 -8.22 -12.01
N ASN A 7 11.30 -9.41 -11.69
CA ASN A 7 10.53 -10.34 -10.88
C ASN A 7 10.46 -9.88 -9.41
N ILE A 8 9.32 -10.18 -8.75
CA ILE A 8 9.19 -9.93 -7.31
C ILE A 8 10.08 -10.95 -6.56
N MET A 9 10.99 -10.45 -5.76
CA MET A 9 11.95 -11.25 -5.01
C MET A 9 11.51 -11.41 -3.56
N ILE A 10 11.90 -12.57 -2.99
CA ILE A 10 11.55 -13.00 -1.63
C ILE A 10 12.84 -13.23 -0.86
N PHE A 11 12.93 -12.61 0.32
CA PHE A 11 14.11 -12.58 1.16
C PHE A 11 13.85 -13.30 2.48
N HIS A 12 14.87 -14.02 2.96
CA HIS A 12 14.85 -14.76 4.23
C HIS A 12 16.01 -14.35 5.13
N PRO A 13 16.01 -13.13 5.66
CA PRO A 13 17.13 -12.70 6.50
C PRO A 13 17.34 -13.60 7.73
N THR A 14 18.59 -13.80 8.09
CA THR A 14 18.96 -14.36 9.37
C THR A 14 18.73 -13.31 10.49
N LYS A 15 18.78 -13.77 11.75
CA LYS A 15 18.70 -12.83 12.87
C LYS A 15 19.75 -11.74 12.77
N GLU A 16 20.99 -12.10 12.48
CA GLU A 16 22.03 -11.08 12.35
C GLU A 16 21.72 -10.10 11.22
N GLU A 17 21.19 -10.59 10.11
CA GLU A 17 20.85 -9.69 9.00
C GLU A 17 19.63 -8.81 9.30
N PHE A 18 18.84 -9.15 10.30
CA PHE A 18 17.60 -8.44 10.62
C PHE A 18 17.82 -7.28 11.60
N ASN A 19 19.04 -7.02 11.98
CA ASN A 19 19.35 -6.03 13.02
C ASN A 19 19.66 -4.63 12.49
N ASP A 20 19.57 -4.39 11.19
CA ASP A 20 19.88 -3.07 10.63
C ASP A 20 18.99 -2.88 9.40
N PHE A 21 17.85 -2.22 9.61
CA PHE A 21 16.84 -2.03 8.57
C PHE A 21 17.41 -1.41 7.29
N ASP A 22 18.05 -0.25 7.39
CA ASP A 22 18.50 0.43 6.18
C ASP A 22 19.58 -0.35 5.45
N LYS A 23 20.44 -1.03 6.19
CA LYS A 23 21.45 -1.87 5.56
C LYS A 23 20.82 -3.02 4.78
N TYR A 24 19.76 -3.63 5.31
CA TYR A 24 19.13 -4.73 4.57
C TYR A 24 18.32 -4.25 3.37
N ILE A 25 17.63 -3.09 3.46
CA ILE A 25 17.00 -2.49 2.27
C ILE A 25 18.04 -2.31 1.16
N ALA A 26 19.19 -1.77 1.50
CA ALA A 26 20.27 -1.55 0.53
C ALA A 26 20.77 -2.88 -0.06
N TYR A 27 20.87 -3.91 0.77
CA TYR A 27 21.22 -5.24 0.28
C TYR A 27 20.19 -5.78 -0.74
N MET A 28 18.90 -5.64 -0.45
N MET A 28 18.90 -5.67 -0.45
CA MET A 28 17.89 -6.09 -1.39
CA MET A 28 17.88 -6.10 -1.40
C MET A 28 18.01 -5.36 -2.73
C MET A 28 18.03 -5.36 -2.74
N GLU A 29 18.29 -4.05 -2.68
CA GLU A 29 18.48 -3.28 -3.90
C GLU A 29 19.77 -3.69 -4.66
N SER A 30 20.84 -4.08 -3.94
CA SER A 30 22.04 -4.59 -4.60
C SER A 30 21.75 -5.86 -5.39
N GLN A 31 20.65 -6.55 -5.06
CA GLN A 31 20.21 -7.76 -5.77
C GLN A 31 19.11 -7.47 -6.80
N GLY A 32 18.75 -6.22 -7.00
CA GLY A 32 17.79 -5.82 -8.00
C GLY A 32 16.34 -5.85 -7.58
N ALA A 33 16.08 -6.00 -6.30
CA ALA A 33 14.71 -6.16 -5.82
C ALA A 33 13.80 -5.00 -6.22
N HIS A 34 14.31 -3.77 -6.18
CA HIS A 34 13.51 -2.59 -6.45
C HIS A 34 12.99 -2.56 -7.88
N ARG A 35 13.65 -3.28 -8.82
CA ARG A 35 13.16 -3.24 -10.21
C ARG A 35 11.78 -3.81 -10.36
N ALA A 36 11.33 -4.65 -9.43
CA ALA A 36 9.96 -5.15 -9.49
C ALA A 36 8.93 -4.17 -8.95
N GLY A 37 9.33 -3.26 -8.05
CA GLY A 37 8.44 -2.34 -7.36
C GLY A 37 7.95 -2.83 -6.02
N LEU A 38 8.12 -4.12 -5.74
CA LEU A 38 7.65 -4.77 -4.52
C LEU A 38 8.57 -5.95 -4.18
N ALA A 39 8.80 -6.15 -2.89
CA ALA A 39 9.53 -7.33 -2.40
C ALA A 39 8.86 -7.88 -1.13
N LYS A 40 9.03 -9.19 -0.89
CA LYS A 40 8.59 -9.90 0.30
C LYS A 40 9.76 -10.21 1.23
N ILE A 41 9.61 -9.93 2.53
CA ILE A 41 10.61 -10.30 3.52
C ILE A 41 9.97 -11.21 4.57
N ILE A 42 10.49 -12.42 4.67
CA ILE A 42 10.06 -13.40 5.66
C ILE A 42 11.02 -13.25 6.86
N PRO A 43 10.51 -12.84 8.03
CA PRO A 43 11.43 -12.62 9.18
CA PRO A 43 11.43 -12.61 9.18
C PRO A 43 12.02 -13.92 9.69
N PRO A 44 13.16 -13.87 10.36
CA PRO A 44 13.69 -15.10 10.96
C PRO A 44 12.67 -15.73 11.92
N LYS A 45 12.73 -17.06 12.04
CA LYS A 45 11.76 -17.79 12.84
C LYS A 45 11.74 -17.34 14.31
N GLU A 46 12.89 -16.96 14.86
CA GLU A 46 12.97 -16.52 16.25
C GLU A 46 12.23 -15.20 16.53
N TRP A 47 11.98 -14.40 15.51
CA TRP A 47 11.44 -13.06 15.71
C TRP A 47 9.94 -13.13 15.89
N LYS A 48 9.38 -12.18 16.65
CA LYS A 48 7.94 -12.04 16.79
C LYS A 48 7.52 -10.58 16.94
N ALA A 49 6.45 -10.19 16.24
CA ALA A 49 6.03 -8.80 16.31
C ALA A 49 5.39 -8.46 17.65
N ARG A 50 4.53 -9.36 18.14
CA ARG A 50 3.71 -9.17 19.31
C ARG A 50 3.54 -10.54 19.94
N GLU A 51 3.48 -10.59 21.25
CA GLU A 51 3.33 -11.86 21.96
C GLU A 51 1.94 -12.47 21.76
N THR A 52 0.90 -11.65 21.90
CA THR A 52 -0.47 -12.10 21.72
C THR A 52 -1.31 -10.97 21.15
N TYR A 53 -2.32 -11.31 20.34
CA TYR A 53 -3.29 -10.36 19.83
C TYR A 53 -4.63 -10.37 20.61
N ASP A 54 -4.64 -10.91 21.84
CA ASP A 54 -5.80 -10.80 22.72
C ASP A 54 -6.21 -9.34 22.86
N ASN A 55 -7.54 -9.10 22.89
CA ASN A 55 -8.14 -7.77 23.13
C ASN A 55 -7.97 -6.76 21.97
N ILE A 56 -7.50 -7.19 20.81
CA ILE A 56 -7.48 -6.30 19.64
C ILE A 56 -8.88 -5.76 19.32
N SER A 57 -9.93 -6.46 19.77
CA SER A 57 -11.32 -6.06 19.56
C SER A 57 -11.65 -4.69 20.15
N GLU A 58 -10.82 -4.17 21.05
CA GLU A 58 -11.06 -2.91 21.74
C GLU A 58 -10.67 -1.68 20.92
N ILE A 59 -9.90 -1.87 19.83
CA ILE A 59 -9.54 -0.75 18.97
C ILE A 59 -10.80 -0.20 18.33
N LEU A 60 -10.87 1.11 18.15
CA LEU A 60 -12.00 1.78 17.53
C LEU A 60 -11.66 2.10 16.09
N ILE A 61 -12.57 1.77 15.19
CA ILE A 61 -12.56 2.24 13.81
C ILE A 61 -13.54 3.41 13.76
N ALA A 62 -13.02 4.62 13.84
CA ALA A 62 -13.87 5.79 13.98
C ALA A 62 -14.73 6.03 12.74
N THR A 63 -14.19 5.77 11.55
CA THR A 63 -14.92 5.96 10.29
C THR A 63 -14.70 4.83 9.32
N PRO A 64 -15.41 3.71 9.50
CA PRO A 64 -15.34 2.61 8.53
C PRO A 64 -15.82 3.11 7.17
N LEU A 65 -15.25 2.55 6.11
CA LEU A 65 -15.55 2.99 4.76
C LEU A 65 -16.14 1.83 3.98
N GLN A 66 -17.28 2.07 3.34
CA GLN A 66 -17.89 1.10 2.43
C GLN A 66 -17.49 1.41 0.99
N GLN A 67 -16.90 0.43 0.29
CA GLN A 67 -16.20 0.65 -1.01
C GLN A 67 -17.15 0.35 -2.15
N VAL A 68 -17.76 1.39 -2.72
CA VAL A 68 -18.79 1.24 -3.73
C VAL A 68 -18.18 1.43 -5.12
N ALA A 69 -18.32 0.43 -5.98
CA ALA A 69 -17.77 0.43 -7.34
C ALA A 69 -18.76 0.90 -8.39
N SER A 70 -18.21 1.45 -9.48
CA SER A 70 -18.87 1.90 -10.72
C SER A 70 -18.02 1.52 -11.93
N GLY A 71 -18.64 0.93 -12.96
CA GLY A 71 -17.85 0.50 -14.12
C GLY A 71 -18.19 -0.91 -14.58
N ARG A 72 -17.21 -1.60 -15.09
CA ARG A 72 -17.30 -3.01 -15.43
C ARG A 72 -16.40 -3.82 -14.52
N ALA A 73 -16.55 -5.15 -14.60
CA ALA A 73 -15.87 -6.03 -13.65
C ALA A 73 -14.35 -5.78 -13.63
N GLY A 74 -13.74 -5.57 -14.80
CA GLY A 74 -12.30 -5.41 -14.86
C GLY A 74 -11.75 -4.00 -14.90
N VAL A 75 -12.64 -2.99 -14.98
CA VAL A 75 -12.27 -1.58 -15.12
C VAL A 75 -13.30 -0.73 -14.36
N PHE A 76 -12.97 -0.30 -13.16
CA PHE A 76 -13.95 0.35 -12.30
C PHE A 76 -13.24 1.31 -11.36
N THR A 77 -14.01 2.29 -10.90
CA THR A 77 -13.58 3.14 -9.80
C THR A 77 -14.39 2.79 -8.56
N GLN A 78 -13.83 3.12 -7.40
CA GLN A 78 -14.55 2.98 -6.14
C GLN A 78 -14.51 4.27 -5.35
N TYR A 79 -15.63 4.57 -4.73
CA TYR A 79 -15.73 5.73 -3.87
C TYR A 79 -16.01 5.22 -2.47
N HIS A 80 -15.65 5.98 -1.46
CA HIS A 80 -15.88 5.52 -0.09
C HIS A 80 -17.07 6.25 0.50
N LYS A 81 -18.05 5.46 0.95
CA LYS A 81 -19.18 5.94 1.72
C LYS A 81 -18.88 5.74 3.21
N LYS A 82 -18.96 6.81 3.99
CA LYS A 82 -18.66 6.71 5.41
C LYS A 82 -19.79 6.04 6.17
N LYS A 83 -19.39 5.23 7.15
CA LYS A 83 -20.29 4.49 8.01
C LYS A 83 -20.10 4.94 9.44
N LYS A 84 -21.04 4.53 10.28
CA LYS A 84 -20.95 4.79 11.71
C LYS A 84 -19.80 4.01 12.34
N ALA A 85 -19.21 4.60 13.39
CA ALA A 85 -18.06 4.01 14.05
C ALA A 85 -18.38 2.61 14.57
N MET A 86 -17.38 1.73 14.55
N MET A 86 -17.37 1.72 14.48
CA MET A 86 -17.54 0.44 15.19
CA MET A 86 -17.45 0.36 15.01
C MET A 86 -16.19 -0.03 15.70
C MET A 86 -16.15 0.01 15.74
N THR A 87 -16.23 -0.89 16.70
CA THR A 87 -15.00 -1.47 17.22
C THR A 87 -14.50 -2.57 16.27
N VAL A 88 -13.24 -2.94 16.46
CA VAL A 88 -12.68 -4.06 15.71
C VAL A 88 -13.44 -5.35 16.00
N GLY A 89 -13.88 -5.52 17.26
CA GLY A 89 -14.71 -6.67 17.62
C GLY A 89 -15.96 -6.75 16.80
N GLU A 90 -16.64 -5.62 16.67
CA GLU A 90 -17.85 -5.57 15.83
C GLU A 90 -17.50 -5.78 14.35
N TYR A 91 -16.41 -5.17 13.89
CA TYR A 91 -15.99 -5.29 12.49
C TYR A 91 -15.70 -6.74 12.12
N ARG A 92 -14.98 -7.45 13.00
CA ARG A 92 -14.61 -8.83 12.74
C ARG A 92 -15.84 -9.72 12.66
N HIS A 93 -16.82 -9.47 13.51
CA HIS A 93 -18.05 -10.23 13.45
C HIS A 93 -18.81 -9.97 12.13
N LEU A 94 -18.84 -8.73 11.68
CA LEU A 94 -19.43 -8.41 10.37
C LEU A 94 -18.67 -9.11 9.24
N ALA A 95 -17.34 -9.04 9.25
CA ALA A 95 -16.51 -9.71 8.24
C ALA A 95 -16.80 -11.20 8.12
N ASN A 96 -17.09 -11.85 9.25
CA ASN A 96 -17.31 -13.27 9.27
C ASN A 96 -18.78 -13.65 9.13
N SER A 97 -19.66 -12.66 8.97
CA SER A 97 -21.06 -12.94 8.74
C SER A 97 -21.30 -13.44 7.31
N LYS A 98 -22.48 -14.04 7.13
CA LYS A 98 -22.82 -14.65 5.84
C LYS A 98 -22.74 -13.65 4.71
N LYS A 99 -23.13 -12.40 4.95
CA LYS A 99 -23.09 -11.39 3.90
C LYS A 99 -21.68 -11.13 3.38
N TYR A 100 -20.67 -11.19 4.23
CA TYR A 100 -19.33 -10.72 3.91
C TYR A 100 -18.24 -11.80 3.91
N GLN A 101 -18.53 -13.03 4.34
CA GLN A 101 -17.49 -14.01 4.57
C GLN A 101 -16.90 -14.51 3.24
N THR A 102 -15.63 -14.86 3.29
CA THR A 102 -14.95 -15.54 2.21
C THR A 102 -15.78 -16.73 1.70
N PRO A 103 -15.90 -16.89 0.39
CA PRO A 103 -16.66 -18.02 -0.14
C PRO A 103 -15.82 -19.30 -0.16
N PRO A 104 -16.47 -20.47 -0.23
CA PRO A 104 -15.71 -21.70 -0.53
C PRO A 104 -14.92 -21.55 -1.83
N HIS A 105 -13.72 -22.11 -1.86
CA HIS A 105 -12.85 -21.96 -3.03
C HIS A 105 -11.80 -23.07 -2.97
N GLN A 106 -11.26 -23.44 -4.13
CA GLN A 106 -10.30 -24.56 -4.18
C GLN A 106 -8.87 -24.16 -3.78
N ASN A 107 -8.44 -22.93 -4.09
CA ASN A 107 -7.04 -22.49 -3.95
C ASN A 107 -6.99 -21.00 -4.26
N PHE A 108 -5.79 -20.37 -4.13
CA PHE A 108 -5.65 -18.92 -4.33
C PHE A 108 -6.12 -18.50 -5.75
N GLU A 109 -5.76 -19.29 -6.77
CA GLU A 109 -6.12 -18.97 -8.15
CA GLU A 109 -6.11 -18.90 -8.13
C GLU A 109 -7.62 -18.83 -8.29
N ASP A 110 -8.36 -19.79 -7.72
CA ASP A 110 -9.81 -19.77 -7.74
C ASP A 110 -10.38 -18.54 -7.04
N LEU A 111 -9.77 -18.17 -5.90
CA LEU A 111 -10.27 -17.02 -5.16
C LEU A 111 -10.03 -15.72 -5.91
N GLU A 112 -8.86 -15.63 -6.56
CA GLU A 112 -8.55 -14.44 -7.37
C GLU A 112 -9.52 -14.32 -8.54
N ARG A 113 -9.86 -15.45 -9.17
CA ARG A 113 -10.86 -15.47 -10.22
CA ARG A 113 -10.86 -15.46 -10.23
C ARG A 113 -12.20 -14.92 -9.73
N LYS A 114 -12.68 -15.40 -8.58
CA LYS A 114 -13.94 -14.93 -8.02
C LYS A 114 -13.90 -13.45 -7.67
N TYR A 115 -12.75 -12.97 -7.16
CA TYR A 115 -12.61 -11.51 -6.90
C TYR A 115 -12.87 -10.69 -8.16
N TRP A 116 -12.13 -10.97 -9.24
CA TRP A 116 -12.24 -10.12 -10.41
C TRP A 116 -13.57 -10.30 -11.12
N LYS A 117 -14.21 -11.45 -10.96
CA LYS A 117 -15.51 -11.69 -11.58
C LYS A 117 -16.61 -10.92 -10.84
N ASN A 118 -16.56 -10.87 -9.52
CA ASN A 118 -17.70 -10.50 -8.69
C ASN A 118 -17.50 -9.26 -7.82
N ARG A 119 -16.31 -8.69 -7.74
CA ARG A 119 -16.03 -7.58 -6.80
C ARG A 119 -17.03 -6.44 -6.97
N ILE A 120 -17.32 -6.03 -8.21
CA ILE A 120 -18.13 -4.81 -8.37
C ILE A 120 -19.55 -4.97 -7.83
N TYR A 121 -20.05 -6.19 -7.64
CA TYR A 121 -21.43 -6.42 -7.24
C TYR A 121 -21.61 -6.48 -5.73
N ASN A 122 -20.54 -6.22 -4.97
CA ASN A 122 -20.60 -6.17 -3.52
C ASN A 122 -19.91 -4.89 -3.09
N SER A 123 -20.18 -4.46 -1.88
CA SER A 123 -19.53 -3.24 -1.39
C SER A 123 -18.97 -3.51 0.00
N PRO A 124 -17.73 -4.02 0.08
CA PRO A 124 -17.16 -4.35 1.38
C PRO A 124 -16.77 -3.11 2.18
N ILE A 125 -16.58 -3.33 3.47
CA ILE A 125 -16.32 -2.26 4.45
C ILE A 125 -14.90 -2.41 4.97
N TYR A 126 -14.21 -1.25 5.16
N TYR A 126 -14.23 -1.32 5.24
CA TYR A 126 -12.74 -1.06 5.25
CA TYR A 126 -12.97 -1.56 5.89
C TYR A 126 -12.42 -0.17 6.46
C TYR A 126 -12.50 -0.32 6.61
N GLY A 127 -11.41 -0.52 7.29
CA GLY A 127 -10.91 0.42 8.27
C GLY A 127 -9.54 0.81 7.80
N ALA A 128 -9.31 2.08 7.53
CA ALA A 128 -8.12 2.49 6.81
C ALA A 128 -7.43 3.65 7.51
N ASP A 129 -6.08 3.64 7.43
CA ASP A 129 -5.28 4.79 7.85
C ASP A 129 -5.58 5.19 9.31
N ILE A 130 -5.64 4.18 10.18
CA ILE A 130 -5.88 4.41 11.59
C ILE A 130 -4.53 4.56 12.30
N SER A 131 -4.25 5.76 12.81
N SER A 131 -4.25 5.76 12.81
CA SER A 131 -2.98 5.97 13.49
CA SER A 131 -2.97 5.97 13.47
C SER A 131 -2.88 5.00 14.67
C SER A 131 -2.86 5.05 14.68
N GLY A 132 -1.76 4.30 14.74
CA GLY A 132 -1.53 3.32 15.79
C GLY A 132 -0.53 2.24 15.40
N SER A 133 -0.23 1.40 16.38
CA SER A 133 0.73 0.32 16.18
C SER A 133 0.38 -0.87 17.09
N LEU A 134 0.65 -2.06 16.55
CA LEU A 134 0.46 -3.29 17.31
C LEU A 134 1.78 -4.00 17.61
N PHE A 135 2.91 -3.42 17.26
CA PHE A 135 4.18 -4.02 17.69
C PHE A 135 4.34 -3.85 19.20
N ASP A 136 4.83 -4.91 19.84
CA ASP A 136 5.26 -4.81 21.24
C ASP A 136 6.37 -3.79 21.36
N GLU A 137 6.34 -2.95 22.41
CA GLU A 137 7.42 -1.97 22.59
C GLU A 137 8.78 -2.64 22.71
N ASN A 138 8.85 -3.89 23.19
CA ASN A 138 10.11 -4.59 23.31
C ASN A 138 10.51 -5.40 22.08
N THR A 139 9.77 -5.32 20.97
CA THR A 139 10.26 -5.84 19.70
C THR A 139 11.23 -4.81 19.12
N LYS A 140 12.51 -5.15 19.04
CA LYS A 140 13.52 -4.17 18.69
C LYS A 140 13.91 -4.16 17.22
N GLN A 141 13.67 -5.23 16.47
CA GLN A 141 14.03 -5.28 15.05
C GLN A 141 12.75 -5.12 14.23
N TRP A 142 12.82 -4.27 13.22
CA TRP A 142 11.75 -4.07 12.22
C TRP A 142 10.39 -3.73 12.88
N ASN A 143 10.45 -2.90 13.91
CA ASN A 143 9.28 -2.38 14.57
C ASN A 143 8.90 -1.09 13.86
N LEU A 144 7.74 -1.10 13.17
CA LEU A 144 7.37 0.02 12.32
C LEU A 144 7.10 1.31 13.08
N GLY A 145 6.99 1.28 14.38
CA GLY A 145 6.87 2.49 15.17
C GLY A 145 8.18 3.08 15.66
N HIS A 146 9.33 2.42 15.41
CA HIS A 146 10.64 2.85 15.87
C HIS A 146 11.63 2.95 14.70
N LEU A 147 11.17 3.19 13.50
CA LEU A 147 12.07 3.41 12.36
C LEU A 147 12.50 4.90 12.34
N GLY A 148 13.56 5.21 11.62
CA GLY A 148 13.91 6.62 11.44
C GLY A 148 12.88 7.28 10.53
N THR A 149 12.57 8.55 10.83
CA THR A 149 11.52 9.29 10.16
C THR A 149 11.96 9.76 8.78
N ILE A 150 10.96 10.05 7.95
CA ILE A 150 11.24 10.59 6.63
C ILE A 150 11.80 12.00 6.80
N GLN A 151 11.39 12.72 7.85
CA GLN A 151 11.97 14.05 8.07
C GLN A 151 13.44 13.97 8.41
N ASP A 152 13.83 13.00 9.23
CA ASP A 152 15.24 12.94 9.54
C ASP A 152 16.10 12.51 8.35
N LEU A 153 15.58 11.68 7.47
CA LEU A 153 16.30 11.39 6.21
C LEU A 153 16.48 12.66 5.38
N LEU A 154 15.41 13.41 5.15
CA LEU A 154 15.52 14.61 4.33
C LEU A 154 16.46 15.63 4.96
N GLU A 155 16.39 15.82 6.30
CA GLU A 155 17.32 16.71 6.98
C GLU A 155 18.77 16.28 6.81
N LYS A 156 19.05 14.98 6.88
CA LYS A 156 20.41 14.47 6.79
C LYS A 156 20.98 14.59 5.36
N GLU A 157 20.16 14.32 4.34
CA GLU A 157 20.61 14.36 2.94
C GLU A 157 20.77 15.78 2.43
N CYS A 158 19.81 16.67 2.74
CA CYS A 158 19.77 18.01 2.18
C CYS A 158 20.23 19.09 3.14
N GLY A 159 20.46 18.77 4.43
CA GLY A 159 20.84 19.75 5.40
C GLY A 159 19.81 20.85 5.54
N VAL A 160 18.55 20.46 5.71
CA VAL A 160 17.43 21.35 5.98
C VAL A 160 16.85 20.98 7.35
N VAL A 161 15.98 21.85 7.87
CA VAL A 161 15.30 21.64 9.14
C VAL A 161 13.81 21.86 8.90
N ILE A 162 13.00 20.85 9.18
CA ILE A 162 11.57 20.89 8.90
C ILE A 162 10.74 20.31 10.03
N GLU A 163 9.51 20.79 10.10
CA GLU A 163 8.47 20.25 10.96
C GLU A 163 8.00 18.92 10.44
N GLY A 164 7.23 18.23 11.28
CA GLY A 164 6.60 16.98 10.88
C GLY A 164 7.16 15.79 11.61
N VAL A 165 6.30 14.78 11.85
CA VAL A 165 6.72 13.50 12.42
C VAL A 165 5.81 12.38 11.95
N ASN A 166 6.32 11.46 11.14
CA ASN A 166 5.50 10.39 10.57
C ASN A 166 5.47 9.12 11.44
N THR A 167 4.28 8.59 11.56
CA THR A 167 3.94 7.51 12.48
C THR A 167 3.20 6.42 11.70
N PRO A 168 3.13 5.20 12.26
CA PRO A 168 2.48 4.08 11.56
C PRO A 168 0.95 4.15 11.64
N TYR A 169 0.32 3.37 10.75
CA TYR A 169 -1.13 3.29 10.68
C TYR A 169 -1.60 1.84 10.47
N LEU A 170 -2.82 1.59 10.90
CA LEU A 170 -3.44 0.28 10.90
C LEU A 170 -4.53 0.20 9.84
N TYR A 171 -4.72 -0.99 9.28
CA TYR A 171 -5.79 -1.32 8.35
C TYR A 171 -6.50 -2.58 8.81
N PHE A 172 -7.83 -2.56 8.74
CA PHE A 172 -8.67 -3.72 9.02
C PHE A 172 -9.43 -4.02 7.74
N GLY A 173 -9.33 -5.28 7.26
CA GLY A 173 -9.93 -5.67 6.01
C GLY A 173 -10.80 -6.91 6.10
N MET A 174 -11.59 -7.13 5.05
CA MET A 174 -12.47 -8.28 4.91
C MET A 174 -12.36 -8.77 3.46
N TRP A 175 -13.02 -9.90 3.15
CA TRP A 175 -13.08 -10.37 1.78
C TRP A 175 -13.55 -9.26 0.83
N LYS A 176 -12.79 -9.09 -0.25
CA LYS A 176 -12.98 -8.14 -1.35
C LYS A 176 -12.59 -6.69 -0.99
N THR A 177 -12.21 -6.36 0.26
CA THR A 177 -11.64 -5.04 0.54
C THR A 177 -10.46 -4.80 -0.41
N THR A 178 -10.41 -3.60 -1.00
CA THR A 178 -9.56 -3.31 -2.16
C THR A 178 -8.70 -2.07 -1.96
N PHE A 179 -7.41 -2.15 -2.34
CA PHE A 179 -6.61 -0.92 -2.48
C PHE A 179 -6.36 -0.68 -3.96
N ALA A 180 -6.69 0.55 -4.38
CA ALA A 180 -6.64 0.98 -5.76
C ALA A 180 -5.19 1.20 -6.23
N TRP A 181 -5.01 1.28 -7.55
CA TRP A 181 -3.68 1.47 -8.16
C TRP A 181 -3.11 2.82 -7.74
N HIS A 182 -1.91 2.83 -7.12
CA HIS A 182 -1.28 4.08 -6.68
C HIS A 182 0.23 3.85 -6.47
N THR A 183 0.96 4.94 -6.42
CA THR A 183 2.27 5.00 -5.78
C THR A 183 2.12 5.79 -4.48
N GLU A 184 3.18 5.80 -3.65
CA GLU A 184 3.04 6.53 -2.39
C GLU A 184 3.18 8.05 -2.60
N ASP A 185 2.69 8.83 -1.62
CA ASP A 185 2.93 10.27 -1.63
C ASP A 185 4.43 10.54 -1.83
N MET A 186 4.74 11.51 -2.70
CA MET A 186 6.10 11.90 -3.03
C MET A 186 6.94 10.72 -3.54
N ASP A 187 6.27 9.66 -4.01
CA ASP A 187 6.92 8.42 -4.49
C ASP A 187 7.89 7.83 -3.46
N LEU A 188 7.51 7.91 -2.17
CA LEU A 188 8.23 7.28 -1.07
C LEU A 188 8.13 5.75 -1.12
N TYR A 189 9.00 5.11 -0.35
CA TYR A 189 8.85 3.67 -0.03
C TYR A 189 7.69 3.47 0.97
N SER A 190 7.15 2.24 1.01
CA SER A 190 6.32 1.86 2.16
C SER A 190 6.71 0.47 2.60
N ILE A 191 6.41 0.18 3.86
CA ILE A 191 6.58 -1.15 4.42
C ILE A 191 5.26 -1.53 5.11
N ASN A 192 4.85 -2.80 4.87
CA ASN A 192 3.55 -3.28 5.31
CA ASN A 192 3.55 -3.30 5.29
C ASN A 192 3.76 -4.63 6.00
N TYR A 193 3.26 -4.75 7.23
CA TYR A 193 3.32 -5.98 8.00
C TYR A 193 1.90 -6.51 8.20
N LEU A 194 1.69 -7.79 7.83
CA LEU A 194 0.36 -8.42 8.04
C LEU A 194 0.36 -9.11 9.42
N HIS A 195 -0.31 -8.48 10.40
CA HIS A 195 -0.26 -8.95 11.79
C HIS A 195 -1.05 -10.24 11.98
N LEU A 196 -2.24 -10.34 11.39
CA LEU A 196 -3.24 -11.29 11.84
C LEU A 196 -4.26 -11.53 10.73
N GLY A 197 -4.70 -12.78 10.57
CA GLY A 197 -5.80 -13.10 9.71
C GLY A 197 -5.46 -13.65 8.35
N GLU A 198 -6.38 -13.45 7.43
CA GLU A 198 -6.30 -14.07 6.12
C GLU A 198 -5.37 -13.27 5.18
N PRO A 199 -4.98 -13.87 4.04
CA PRO A 199 -3.98 -13.22 3.16
C PRO A 199 -4.45 -11.98 2.44
N LYS A 200 -3.45 -11.33 1.86
CA LYS A 200 -3.59 -10.12 1.04
CA LYS A 200 -3.60 -10.13 1.04
C LYS A 200 -2.86 -10.38 -0.27
N THR A 201 -3.55 -10.24 -1.41
CA THR A 201 -2.92 -10.37 -2.73
C THR A 201 -2.54 -8.99 -3.28
N TRP A 202 -1.32 -8.90 -3.82
CA TRP A 202 -0.74 -7.68 -4.36
C TRP A 202 -0.48 -7.83 -5.85
N TYR A 203 -0.65 -6.72 -6.57
CA TYR A 203 -0.22 -6.56 -7.96
C TYR A 203 0.70 -5.35 -8.02
N VAL A 204 1.72 -5.41 -8.86
CA VAL A 204 2.71 -4.34 -8.97
C VAL A 204 3.20 -4.16 -10.42
N VAL A 205 3.45 -2.91 -10.80
CA VAL A 205 4.07 -2.54 -12.08
C VAL A 205 5.51 -2.08 -11.81
N PRO A 206 6.52 -2.57 -12.56
CA PRO A 206 7.90 -2.14 -12.34
C PRO A 206 8.06 -0.63 -12.47
N PRO A 207 8.83 0.02 -11.60
CA PRO A 207 9.03 1.49 -11.71
C PRO A 207 9.46 2.00 -13.05
N GLU A 208 10.32 1.27 -13.75
CA GLU A 208 10.73 1.71 -15.07
C GLU A 208 9.58 1.76 -16.08
N HIS A 209 8.43 1.14 -15.79
CA HIS A 209 7.30 1.21 -16.72
C HIS A 209 6.05 1.85 -16.13
N GLY A 210 6.17 2.63 -15.06
CA GLY A 210 4.96 3.20 -14.47
C GLY A 210 4.20 4.14 -15.38
N GLN A 211 4.89 4.88 -16.24
CA GLN A 211 4.15 5.76 -17.14
C GLN A 211 3.25 4.99 -18.10
N ARG A 212 3.54 3.73 -18.40
CA ARG A 212 2.65 2.96 -19.25
C ARG A 212 1.32 2.77 -18.56
N LEU A 213 1.34 2.47 -17.26
CA LEU A 213 0.10 2.34 -16.51
C LEU A 213 -0.66 3.66 -16.49
N GLU A 214 0.05 4.79 -16.27
CA GLU A 214 -0.62 6.09 -16.27
C GLU A 214 -1.34 6.37 -17.59
N ARG A 215 -0.68 6.05 -18.71
CA ARG A 215 -1.28 6.34 -20.00
CA ARG A 215 -1.27 6.30 -20.03
C ARG A 215 -2.53 5.48 -20.22
N LEU A 216 -2.49 4.22 -19.81
CA LEU A 216 -3.67 3.35 -19.93
C LEU A 216 -4.79 3.86 -19.04
N ALA A 217 -4.45 4.25 -17.80
CA ALA A 217 -5.49 4.74 -16.88
C ALA A 217 -6.20 5.96 -17.44
N ARG A 218 -5.45 6.85 -18.10
CA ARG A 218 -6.04 8.02 -18.74
CA ARG A 218 -6.07 8.02 -18.73
C ARG A 218 -7.03 7.60 -19.84
N GLU A 219 -6.68 6.57 -20.58
CA GLU A 219 -7.56 6.07 -21.62
C GLU A 219 -8.82 5.42 -21.04
N LEU A 220 -8.67 4.71 -19.93
CA LEU A 220 -9.76 3.92 -19.37
C LEU A 220 -10.70 4.70 -18.46
N PHE A 221 -10.24 5.81 -17.90
CA PHE A 221 -11.04 6.69 -17.05
C PHE A 221 -10.97 8.11 -17.56
N PRO A 222 -11.62 8.40 -18.68
CA PRO A 222 -11.40 9.69 -19.34
C PRO A 222 -11.88 10.90 -18.53
N GLY A 223 -13.07 10.81 -17.95
CA GLY A 223 -13.57 11.89 -17.13
C GLY A 223 -12.72 12.14 -15.91
N SER A 224 -12.33 11.08 -15.20
CA SER A 224 -11.40 11.17 -14.06
C SER A 224 -10.07 11.81 -14.44
N SER A 225 -9.49 11.33 -15.52
CA SER A 225 -8.25 11.91 -16.00
C SER A 225 -8.39 13.41 -16.28
N ARG A 226 -9.51 13.84 -16.85
CA ARG A 226 -9.62 15.23 -17.29
C ARG A 226 -9.50 16.20 -16.12
N GLY A 227 -9.98 15.82 -14.94
CA GLY A 227 -9.99 16.75 -13.85
C GLY A 227 -8.62 16.96 -13.25
N CYS A 228 -7.69 16.03 -13.49
CA CYS A 228 -6.42 15.99 -12.79
C CYS A 228 -5.46 15.01 -13.47
N GLY A 229 -4.34 15.52 -13.98
CA GLY A 229 -3.35 14.64 -14.58
C GLY A 229 -2.88 13.54 -13.64
N ALA A 230 -2.66 13.88 -12.37
CA ALA A 230 -2.23 12.89 -11.38
C ALA A 230 -3.41 12.20 -10.67
N PHE A 231 -4.50 11.83 -11.38
CA PHE A 231 -5.70 11.34 -10.69
C PHE A 231 -5.49 9.99 -10.04
N LEU A 232 -4.44 9.24 -10.41
CA LEU A 232 -4.22 7.97 -9.71
C LEU A 232 -3.90 8.22 -8.21
N ARG A 233 -3.37 9.39 -7.87
CA ARG A 233 -3.21 9.77 -6.46
C ARG A 233 -4.51 9.88 -5.69
N HIS A 234 -5.66 9.94 -6.37
CA HIS A 234 -6.96 9.90 -5.70
C HIS A 234 -7.27 8.54 -5.09
N LYS A 235 -6.55 7.49 -5.49
CA LYS A 235 -6.73 6.13 -4.98
C LYS A 235 -8.14 5.64 -5.20
N VAL A 236 -8.55 5.62 -6.47
CA VAL A 236 -9.91 5.25 -6.85
C VAL A 236 -9.96 4.22 -7.97
N ALA A 237 -8.92 4.04 -8.75
CA ALA A 237 -9.03 3.29 -10.00
C ALA A 237 -8.52 1.86 -9.88
N LEU A 238 -9.31 0.92 -10.40
CA LEU A 238 -8.93 -0.51 -10.50
C LEU A 238 -8.96 -0.98 -11.95
N ILE A 239 -7.94 -1.75 -12.28
CA ILE A 239 -7.75 -2.39 -13.59
C ILE A 239 -7.27 -3.80 -13.32
N SER A 240 -7.96 -4.80 -13.88
CA SER A 240 -7.67 -6.20 -13.62
C SER A 240 -6.41 -6.71 -14.34
N PRO A 241 -5.83 -7.84 -13.86
CA PRO A 241 -4.73 -8.48 -14.61
C PRO A 241 -5.09 -8.82 -16.05
N THR A 242 -6.32 -9.27 -16.33
CA THR A 242 -6.69 -9.57 -17.71
C THR A 242 -6.63 -8.33 -18.60
N VAL A 243 -7.09 -7.18 -18.08
CA VAL A 243 -7.05 -5.96 -18.87
C VAL A 243 -5.62 -5.46 -19.02
N LEU A 244 -4.81 -5.56 -17.95
CA LEU A 244 -3.39 -5.21 -18.09
C LEU A 244 -2.70 -6.02 -19.19
N LYS A 245 -2.89 -7.36 -19.17
CA LYS A 245 -2.28 -8.21 -20.22
C LYS A 245 -2.75 -7.80 -21.61
N GLU A 246 -4.04 -7.51 -21.75
CA GLU A 246 -4.57 -7.18 -23.07
C GLU A 246 -3.94 -5.92 -23.62
N ASN A 247 -3.47 -5.00 -22.74
CA ASN A 247 -2.88 -3.74 -23.13
C ASN A 247 -1.37 -3.73 -23.03
N GLY A 248 -0.78 -4.89 -22.76
CA GLY A 248 0.66 -4.99 -22.73
C GLY A 248 1.34 -4.30 -21.56
N ILE A 249 0.65 -4.13 -20.45
CA ILE A 249 1.26 -3.50 -19.27
C ILE A 249 2.06 -4.53 -18.47
N PRO A 250 3.37 -4.35 -18.22
CA PRO A 250 4.09 -5.36 -17.43
CA PRO A 250 4.09 -5.36 -17.43
C PRO A 250 3.69 -5.28 -15.97
N PHE A 251 3.45 -6.44 -15.36
CA PHE A 251 3.09 -6.48 -13.95
C PHE A 251 3.41 -7.86 -13.39
N ASN A 252 3.38 -7.95 -12.05
CA ASN A 252 3.51 -9.22 -11.35
C ASN A 252 2.53 -9.24 -10.17
N ARG A 253 2.28 -10.47 -9.68
CA ARG A 253 1.40 -10.67 -8.55
CA ARG A 253 1.36 -10.74 -8.59
C ARG A 253 2.04 -11.58 -7.51
N ILE A 254 1.68 -11.35 -6.24
CA ILE A 254 2.16 -12.19 -5.14
C ILE A 254 1.17 -12.05 -4.00
N THR A 255 1.07 -13.10 -3.19
CA THR A 255 0.21 -13.11 -2.00
C THR A 255 1.04 -13.08 -0.72
N GLN A 256 0.70 -12.15 0.17
CA GLN A 256 1.28 -11.96 1.49
C GLN A 256 0.45 -12.71 2.54
N GLU A 257 1.10 -13.45 3.42
CA GLU A 257 0.44 -14.14 4.53
C GLU A 257 0.87 -13.52 5.86
N ALA A 258 0.04 -13.80 6.88
CA ALA A 258 0.29 -13.25 8.21
C ALA A 258 1.71 -13.59 8.65
N GLY A 259 2.36 -12.60 9.28
CA GLY A 259 3.73 -12.78 9.72
C GLY A 259 4.78 -12.39 8.71
N GLU A 260 4.37 -11.85 7.57
CA GLU A 260 5.26 -11.45 6.47
C GLU A 260 5.21 -9.93 6.21
N PHE A 261 6.40 -9.36 5.91
CA PHE A 261 6.51 -7.98 5.43
C PHE A 261 6.49 -7.87 3.91
N MET A 262 5.84 -6.78 3.39
CA MET A 262 6.02 -6.36 2.00
C MET A 262 6.57 -4.93 1.97
N VAL A 263 7.58 -4.70 1.13
CA VAL A 263 8.11 -3.38 0.91
C VAL A 263 7.77 -2.93 -0.52
N THR A 264 7.20 -1.73 -0.64
CA THR A 264 7.09 -1.08 -1.95
C THR A 264 8.19 -0.05 -2.13
N PHE A 265 8.68 0.04 -3.38
CA PHE A 265 9.82 0.86 -3.75
C PHE A 265 9.36 2.14 -4.47
N PRO A 266 10.20 3.19 -4.48
CA PRO A 266 9.79 4.46 -5.12
C PRO A 266 9.27 4.29 -6.54
N TYR A 267 8.08 4.86 -6.77
CA TYR A 267 7.39 4.88 -8.06
C TYR A 267 6.95 3.46 -8.51
N GLY A 268 6.79 2.55 -7.57
CA GLY A 268 6.21 1.25 -7.85
C GLY A 268 4.71 1.25 -7.64
N TYR A 269 3.95 1.31 -8.74
CA TYR A 269 2.48 1.27 -8.65
C TYR A 269 2.02 -0.08 -8.12
N HIS A 270 1.10 -0.05 -7.16
CA HIS A 270 0.54 -1.28 -6.59
C HIS A 270 -0.96 -1.14 -6.30
N ALA A 271 -1.62 -2.31 -6.22
CA ALA A 271 -3.05 -2.52 -5.97
C ALA A 271 -3.24 -3.92 -5.39
N GLY A 272 -4.41 -4.18 -4.82
CA GLY A 272 -4.64 -5.53 -4.29
C GLY A 272 -5.94 -5.67 -3.52
N PHE A 273 -6.09 -6.83 -2.87
CA PHE A 273 -7.33 -7.13 -2.16
C PHE A 273 -7.09 -8.15 -1.04
N ASN A 274 -8.00 -8.14 -0.07
CA ASN A 274 -7.94 -9.06 1.06
C ASN A 274 -8.81 -10.30 0.84
N HIS A 275 -8.31 -11.45 1.37
CA HIS A 275 -9.00 -12.74 1.22
C HIS A 275 -10.09 -12.96 2.26
N GLY A 276 -10.06 -12.22 3.35
CA GLY A 276 -10.93 -12.42 4.50
C GLY A 276 -10.49 -11.47 5.60
N PHE A 277 -11.08 -11.58 6.80
CA PHE A 277 -10.73 -10.68 7.89
C PHE A 277 -9.21 -10.66 8.14
N ASN A 278 -8.60 -9.48 8.20
CA ASN A 278 -7.22 -9.39 8.60
C ASN A 278 -6.89 -8.00 9.15
N CYS A 279 -5.67 -7.87 9.65
CA CYS A 279 -5.14 -6.64 10.27
C CYS A 279 -3.70 -6.46 9.84
N ALA A 280 -3.43 -5.30 9.25
CA ALA A 280 -2.10 -4.92 8.77
C ALA A 280 -1.68 -3.58 9.36
N GLU A 281 -0.34 -3.33 9.33
CA GLU A 281 0.30 -2.08 9.78
C GLU A 281 1.28 -1.61 8.72
N ALA A 282 1.27 -0.29 8.45
CA ALA A 282 2.14 0.24 7.42
C ALA A 282 2.67 1.61 7.82
N ILE A 283 3.80 1.96 7.21
CA ILE A 283 4.39 3.29 7.33
C ILE A 283 5.21 3.59 6.07
N ASN A 284 5.28 4.89 5.69
CA ASN A 284 6.26 5.25 4.68
C ASN A 284 7.66 5.44 5.25
N PHE A 285 8.67 5.23 4.41
CA PHE A 285 10.05 5.52 4.81
C PHE A 285 10.85 5.97 3.59
N ALA A 286 12.07 6.46 3.86
CA ALA A 286 12.94 7.01 2.85
C ALA A 286 14.37 6.54 3.08
N THR A 287 15.12 6.56 1.98
CA THR A 287 16.55 6.31 1.93
C THR A 287 17.20 7.37 1.08
N PRO A 288 18.55 7.36 1.00
CA PRO A 288 19.20 8.32 0.09
C PRO A 288 18.77 8.15 -1.35
N ARG A 289 18.53 6.92 -1.82
CA ARG A 289 18.12 6.70 -3.19
C ARG A 289 16.75 7.32 -3.51
N TRP A 290 15.94 7.52 -2.51
CA TRP A 290 14.61 8.12 -2.77
C TRP A 290 14.67 9.61 -3.16
N ILE A 291 15.69 10.36 -2.75
CA ILE A 291 15.64 11.82 -2.87
C ILE A 291 15.34 12.25 -4.31
N ASP A 292 15.96 11.61 -5.31
CA ASP A 292 15.75 12.03 -6.69
C ASP A 292 14.35 11.68 -7.17
N TYR A 293 13.74 10.64 -6.61
CA TYR A 293 12.32 10.38 -6.95
C TYR A 293 11.44 11.45 -6.33
N GLY A 294 11.75 11.84 -5.10
CA GLY A 294 10.95 12.87 -4.47
C GLY A 294 10.94 14.20 -5.23
N LYS A 295 12.08 14.58 -5.82
CA LYS A 295 12.21 15.79 -6.59
C LYS A 295 11.40 15.76 -7.88
N MET A 296 11.15 14.57 -8.43
CA MET A 296 10.44 14.39 -9.69
C MET A 296 9.01 13.96 -9.53
N ALA A 297 8.53 13.66 -8.31
CA ALA A 297 7.20 13.10 -8.14
C ALA A 297 6.11 14.02 -8.66
N SER A 298 5.14 13.42 -9.36
CA SER A 298 4.00 14.22 -9.79
C SER A 298 3.14 14.58 -8.59
N GLN A 299 2.37 15.68 -8.71
CA GLN A 299 1.49 16.13 -7.64
C GLN A 299 0.05 16.25 -8.14
N CYS A 300 -0.90 15.91 -7.27
CA CYS A 300 -2.30 16.29 -7.43
C CYS A 300 -2.48 17.70 -6.88
N SER A 301 -2.95 18.61 -7.72
CA SER A 301 -3.31 19.97 -7.28
C SER A 301 -4.78 20.28 -7.51
N CYS A 302 -5.62 19.27 -7.76
CA CYS A 302 -7.04 19.52 -7.98
C CYS A 302 -7.87 19.54 -6.70
N GLY A 303 -7.33 19.11 -5.57
CA GLY A 303 -8.07 19.03 -4.33
C GLY A 303 -8.39 17.62 -3.83
N GLU A 304 -8.59 16.66 -4.74
CA GLU A 304 -9.15 15.36 -4.35
C GLU A 304 -8.22 14.60 -3.39
N ALA A 305 -6.93 14.54 -3.69
CA ALA A 305 -5.99 13.85 -2.80
C ALA A 305 -5.68 14.77 -1.62
N ARG A 306 -6.42 14.61 -0.52
CA ARG A 306 -5.99 15.18 0.75
C ARG A 306 -4.90 14.29 1.33
N VAL A 307 -3.85 14.91 1.88
CA VAL A 307 -2.75 14.20 2.53
C VAL A 307 -2.33 15.02 3.75
N THR A 308 -1.96 14.34 4.84
CA THR A 308 -1.75 15.05 6.09
C THR A 308 -0.44 15.85 6.05
N PHE A 309 -0.38 16.86 6.94
CA PHE A 309 0.51 18.02 6.82
C PHE A 309 2.00 17.69 6.88
N SER A 310 2.37 16.40 6.99
CA SER A 310 3.77 16.06 6.81
C SER A 310 4.25 16.43 5.42
N MET A 311 3.36 16.39 4.42
CA MET A 311 3.80 16.52 3.03
C MET A 311 4.17 17.94 2.63
N ASP A 312 3.64 18.95 3.31
CA ASP A 312 3.92 20.33 3.00
C ASP A 312 5.40 20.61 2.87
N ALA A 313 6.18 20.24 3.89
CA ALA A 313 7.60 20.55 3.86
C ALA A 313 8.30 19.78 2.77
N PHE A 314 7.83 18.58 2.44
CA PHE A 314 8.48 17.86 1.36
C PHE A 314 8.29 18.60 0.01
N VAL A 315 7.09 19.06 -0.26
CA VAL A 315 6.87 19.81 -1.51
C VAL A 315 7.66 21.12 -1.47
N ARG A 316 7.64 21.78 -0.31
CA ARG A 316 8.29 23.08 -0.13
C ARG A 316 9.81 23.04 -0.38
N ILE A 317 10.49 22.01 0.12
CA ILE A 317 11.94 21.90 -0.03
C ILE A 317 12.31 21.31 -1.39
N LEU A 318 11.65 20.21 -1.79
CA LEU A 318 12.10 19.50 -2.99
C LEU A 318 11.53 20.04 -4.29
N GLN A 319 10.38 20.69 -4.26
CA GLN A 319 9.67 21.11 -5.46
C GLN A 319 9.16 22.54 -5.26
N PRO A 320 10.05 23.49 -4.95
CA PRO A 320 9.60 24.88 -4.70
C PRO A 320 8.84 25.51 -5.86
N GLU A 321 9.17 25.17 -7.11
CA GLU A 321 8.38 25.71 -8.22
C GLU A 321 6.92 25.26 -8.19
N ARG A 322 6.64 24.07 -7.66
CA ARG A 322 5.28 23.52 -7.66
C ARG A 322 4.49 23.88 -6.39
N TYR A 323 5.15 24.48 -5.41
CA TYR A 323 4.55 24.57 -4.07
C TYR A 323 3.29 25.45 -4.02
N ASP A 324 3.33 26.65 -4.62
CA ASP A 324 2.17 27.55 -4.52
C ASP A 324 0.91 26.92 -5.13
N LEU A 325 1.05 26.34 -6.33
CA LEU A 325 -0.07 25.65 -6.96
C LEU A 325 -0.54 24.46 -6.13
N TRP A 326 0.39 23.66 -5.61
CA TRP A 326 -0.03 22.51 -4.81
C TRP A 326 -0.80 22.99 -3.59
N LYS A 327 -0.30 24.03 -2.93
CA LYS A 327 -0.89 24.59 -1.72
C LYS A 327 -2.31 25.11 -1.98
N ARG A 328 -2.51 25.72 -3.16
CA ARG A 328 -3.86 26.17 -3.53
C ARG A 328 -4.84 25.00 -3.60
N GLY A 329 -4.39 23.85 -4.12
CA GLY A 329 -5.24 22.68 -4.17
C GLY A 329 -5.56 22.11 -2.80
N GLN A 330 -4.70 22.36 -1.80
CA GLN A 330 -5.02 22.00 -0.43
C GLN A 330 -5.98 23.07 0.10
#